data_6Y0D
#
_entry.id   6Y0D
#
_cell.length_a   95.890
_cell.length_b   33.192
_cell.length_c   67.445
_cell.angle_alpha   90.000
_cell.angle_beta   108.059
_cell.angle_gamma   90.000
#
_symmetry.space_group_name_H-M   'C 1 2 1'
#
loop_
_entity.id
_entity.type
_entity.pdbx_description
1 polymer 'Surface membrane protein'
2 water water
#
_entity_poly.entity_id   1
_entity_poly.type   'polypeptide(L)'
_entity_poly.pdbx_seq_one_letter_code
;MCLFGIVDAVADFLKGVVACACCLIIGGPALIIAGSMLLNQQDLRKAFRDAVNEFNPTPMNAWTGTINDVPIAVRRESLN
VKGVDGATSVFAEAVVSVSHMSSSRFQVSVNVRTVTPFNRMAPFRTIEKTSYTCSSRDCKSRLNCQCNELLNSFMNQCVA
SGGKFVRTPGMCVLDRTCGTCERTVYLRQLYLVVREVSNGKYAEDTNLRSAMYAFGDLDNDYQPGIPSTVTVRLYSSKDP
YIALQRLTKGTNDLGLNSRTVGIVLIVLGCLFLLLEIGVCTALICYWMRRKKTSSGAPPYMAPATYGISNSGASGNAAPN
FYAQPAQQTGQGYTYFQAAPPGYTYGQPPQGQPVPQGYAYGQPVSPQGQHGYTYGQAPPPLYAYGQPVSPQAPRGQVPPP
L
;
_entity_poly.pdbx_strand_id   A
#
# COMPACT_ATOMS: atom_id res chain seq x y z
N GLN A 41 -2.19 21.69 -11.61
CA GLN A 41 -1.51 22.72 -10.82
C GLN A 41 -0.02 22.75 -11.16
N GLN A 42 0.41 23.79 -11.88
CA GLN A 42 1.79 23.86 -12.36
C GLN A 42 2.80 23.94 -11.22
N ASP A 43 2.39 24.46 -10.05
CA ASP A 43 3.29 24.47 -8.91
C ASP A 43 3.66 23.06 -8.46
N LEU A 44 2.76 22.09 -8.67
CA LEU A 44 3.02 20.70 -8.29
C LEU A 44 4.18 20.12 -9.08
N ARG A 45 4.15 20.31 -10.41
CA ARG A 45 5.24 19.82 -11.26
C ARG A 45 6.58 20.42 -10.83
N LYS A 46 6.62 21.72 -10.54
CA LYS A 46 7.87 22.35 -10.11
C LYS A 46 8.31 21.82 -8.75
N ALA A 47 7.37 21.69 -7.82
CA ALA A 47 7.70 21.19 -6.48
C ALA A 47 8.25 19.77 -6.55
N PHE A 48 7.71 18.95 -7.45
CA PHE A 48 8.24 17.60 -7.64
C PHE A 48 9.65 17.63 -8.20
N ARG A 49 9.85 18.46 -9.23
CA ARG A 49 11.20 18.59 -9.84
C ARG A 49 12.20 18.99 -8.77
N ASP A 50 11.86 19.99 -7.95
CA ASP A 50 12.76 20.43 -6.91
C ASP A 50 13.10 19.29 -5.95
N ALA A 51 12.10 18.49 -5.55
CA ALA A 51 12.36 17.37 -4.65
C ALA A 51 13.28 16.34 -5.31
N VAL A 52 13.03 16.03 -6.58
CA VAL A 52 13.90 15.12 -7.32
C VAL A 52 15.31 15.69 -7.42
N ASN A 53 15.42 16.96 -7.85
CA ASN A 53 16.72 17.60 -8.02
C ASN A 53 17.56 17.51 -6.76
N GLU A 54 16.93 17.50 -5.59
CA GLU A 54 17.65 17.51 -4.33
C GLU A 54 17.89 16.13 -3.76
N PHE A 55 17.49 15.07 -4.48
CA PHE A 55 17.60 13.71 -3.95
C PHE A 55 18.96 13.12 -4.24
N ASN A 56 19.67 12.75 -3.18
CA ASN A 56 20.96 12.08 -3.29
C ASN A 56 20.74 10.59 -3.10
N PRO A 57 20.91 9.77 -4.14
CA PRO A 57 20.61 8.34 -4.02
C PRO A 57 21.77 7.51 -3.53
N THR A 58 22.92 8.12 -3.23
CA THR A 58 24.13 7.36 -2.91
C THR A 58 24.17 6.80 -1.49
N PRO A 59 23.54 7.40 -0.47
CA PRO A 59 23.60 6.76 0.86
C PRO A 59 23.04 5.36 0.83
N MET A 60 22.02 5.11 -0.01
CA MET A 60 21.41 3.79 -0.04
C MET A 60 22.36 2.73 -0.57
N ASN A 61 23.45 3.14 -1.22
CA ASN A 61 24.48 2.19 -1.64
C ASN A 61 25.10 1.49 -0.47
N ALA A 62 25.05 2.10 0.72
CA ALA A 62 25.61 1.46 1.89
C ALA A 62 24.61 0.52 2.57
N TRP A 63 23.37 0.50 2.10
CA TRP A 63 22.34 -0.32 2.74
C TRP A 63 22.54 -1.78 2.35
N THR A 64 22.95 -2.57 3.33
CA THR A 64 22.99 -4.02 3.26
C THR A 64 22.52 -4.54 4.60
N GLY A 65 22.03 -5.77 4.62
CA GLY A 65 21.56 -6.32 5.87
C GLY A 65 20.25 -7.04 5.66
N THR A 66 19.39 -7.05 6.66
CA THR A 66 18.23 -7.94 6.62
C THR A 66 16.98 -7.24 7.08
N ILE A 67 15.85 -7.76 6.61
CA ILE A 67 14.54 -7.47 7.17
C ILE A 67 13.92 -8.81 7.54
N ASN A 68 13.60 -9.01 8.82
CA ASN A 68 13.15 -10.33 9.30
C ASN A 68 14.04 -11.43 8.76
N ASP A 69 15.35 -11.19 8.86
CA ASP A 69 16.43 -12.10 8.53
C ASP A 69 16.59 -12.35 7.04
N VAL A 70 15.76 -11.76 6.18
CA VAL A 70 15.88 -11.92 4.75
C VAL A 70 16.87 -10.87 4.24
N PRO A 71 17.93 -11.25 3.56
CA PRO A 71 18.86 -10.24 3.01
C PRO A 71 18.15 -9.25 2.09
N ILE A 72 18.36 -7.95 2.33
CA ILE A 72 17.79 -6.94 1.44
C ILE A 72 18.55 -6.89 0.13
N ALA A 73 17.89 -6.32 -0.86
CA ALA A 73 18.55 -5.90 -2.07
C ALA A 73 18.08 -4.49 -2.37
N VAL A 74 18.99 -3.64 -2.84
CA VAL A 74 18.65 -2.27 -3.19
C VAL A 74 18.29 -2.23 -4.66
N ARG A 75 17.18 -1.58 -4.99
CA ARG A 75 16.70 -1.45 -6.36
C ARG A 75 16.59 0.02 -6.74
N ARG A 76 16.90 0.33 -7.99
CA ARG A 76 16.65 1.66 -8.54
C ARG A 76 15.53 1.52 -9.54
N GLU A 77 14.44 2.25 -9.32
CA GLU A 77 13.27 2.15 -10.21
C GLU A 77 12.87 3.54 -10.72
N SER A 78 12.88 3.71 -12.03
CA SER A 78 12.42 4.96 -12.62
C SER A 78 10.93 5.13 -12.33
N LEU A 79 10.55 6.34 -11.94
CA LEU A 79 9.15 6.66 -11.76
C LEU A 79 8.43 6.98 -13.06
N ASN A 80 9.19 7.12 -14.16
CA ASN A 80 8.61 7.33 -15.48
C ASN A 80 7.71 8.55 -15.47
N VAL A 81 8.22 9.63 -14.89
CA VAL A 81 7.58 10.94 -14.93
C VAL A 81 8.17 11.71 -16.11
N LYS A 82 7.32 12.15 -17.02
CA LYS A 82 7.79 12.72 -18.27
C LYS A 82 8.49 14.07 -18.02
N GLY A 83 9.69 14.22 -18.57
CA GLY A 83 10.45 15.44 -18.40
C GLY A 83 11.30 15.50 -17.15
N VAL A 84 11.16 14.52 -16.25
CA VAL A 84 11.87 14.45 -14.97
C VAL A 84 12.70 13.17 -14.93
N ASP A 85 13.82 13.15 -15.63
CA ASP A 85 14.56 11.90 -15.81
C ASP A 85 15.23 11.44 -14.53
N GLY A 86 15.58 12.36 -13.62
CA GLY A 86 16.12 11.99 -12.32
C GLY A 86 15.11 11.39 -11.37
N ALA A 87 13.83 11.34 -11.74
CA ALA A 87 12.79 10.81 -10.86
C ALA A 87 12.93 9.30 -10.81
N THR A 88 13.87 8.86 -9.97
CA THR A 88 14.21 7.45 -9.84
C THR A 88 14.18 7.12 -8.35
N SER A 89 13.36 6.14 -7.95
CA SER A 89 13.36 5.66 -6.56
C SER A 89 14.54 4.76 -6.27
N VAL A 90 15.05 4.82 -5.04
CA VAL A 90 16.11 3.92 -4.61
C VAL A 90 15.73 3.38 -3.24
N PHE A 91 15.40 2.11 -3.18
CA PHE A 91 14.86 1.54 -1.95
C PHE A 91 15.42 0.15 -1.71
N ALA A 92 15.45 -0.26 -0.45
CA ALA A 92 15.75 -1.65 -0.14
C ALA A 92 14.48 -2.47 -0.22
N GLU A 93 14.62 -3.76 -0.56
CA GLU A 93 13.44 -4.62 -0.65
C GLU A 93 13.77 -6.01 -0.14
N ALA A 94 12.80 -6.61 0.54
CA ALA A 94 12.89 -7.99 1.00
C ALA A 94 11.50 -8.59 0.96
N VAL A 95 11.40 -9.82 0.47
CA VAL A 95 10.16 -10.58 0.54
C VAL A 95 10.28 -11.50 1.76
N VAL A 96 9.37 -11.34 2.72
CA VAL A 96 9.48 -12.02 4.02
C VAL A 96 8.25 -12.84 4.32
N SER A 97 8.48 -13.95 5.02
CA SER A 97 7.42 -14.89 5.39
C SER A 97 6.42 -14.29 6.38
N VAL A 98 5.14 -14.55 6.15
CA VAL A 98 4.12 -14.26 7.14
C VAL A 98 3.30 -15.51 7.43
N SER A 99 3.88 -16.69 7.17
CA SER A 99 3.11 -17.89 7.40
C SER A 99 2.97 -18.24 8.87
N HIS A 100 3.61 -17.48 9.77
CA HIS A 100 3.39 -17.61 11.21
C HIS A 100 2.22 -16.77 11.71
N MET A 101 1.63 -15.94 10.88
CA MET A 101 0.69 -14.94 11.37
C MET A 101 -0.65 -15.56 11.71
N SER A 102 -1.09 -15.33 12.95
CA SER A 102 -2.43 -15.67 13.41
C SER A 102 -3.21 -14.47 13.91
N SER A 103 -2.53 -13.37 14.18
CA SER A 103 -3.05 -12.18 14.81
C SER A 103 -2.97 -11.03 13.82
N SER A 104 -3.25 -9.83 14.31
CA SER A 104 -3.21 -8.65 13.46
C SER A 104 -1.88 -7.94 13.54
N ARG A 105 -0.95 -8.42 14.38
CA ARG A 105 0.26 -7.66 14.68
C ARG A 105 1.46 -8.33 14.02
N PHE A 106 1.86 -7.81 12.86
CA PHE A 106 3.02 -8.34 12.14
C PHE A 106 4.25 -7.55 12.55
N GLN A 107 5.29 -8.22 13.03
CA GLN A 107 6.49 -7.55 13.48
C GLN A 107 7.57 -7.61 12.41
N VAL A 108 8.20 -6.47 12.15
CA VAL A 108 9.18 -6.34 11.10
C VAL A 108 10.45 -5.76 11.70
N SER A 109 11.49 -6.57 11.78
CA SER A 109 12.76 -6.20 12.39
C SER A 109 13.73 -5.83 11.28
N VAL A 110 14.13 -4.55 11.24
CA VAL A 110 14.96 -3.99 10.18
C VAL A 110 16.36 -3.86 10.73
N ASN A 111 17.31 -4.60 10.17
CA ASN A 111 18.72 -4.58 10.61
CA ASN A 111 18.70 -4.57 10.63
C ASN A 111 19.57 -4.28 9.38
N VAL A 112 19.64 -3.01 9.00
CA VAL A 112 20.34 -2.59 7.78
C VAL A 112 21.47 -1.63 8.16
N ARG A 113 22.65 -1.84 7.56
CA ARG A 113 23.78 -1.00 7.91
C ARG A 113 23.48 0.46 7.59
N THR A 114 23.93 1.35 8.48
CA THR A 114 23.72 2.79 8.57
C THR A 114 22.30 3.16 9.00
N VAL A 115 21.41 2.20 9.21
CA VAL A 115 20.06 2.42 9.72
C VAL A 115 20.01 1.89 11.14
N THR A 116 19.64 2.74 12.09
CA THR A 116 19.48 2.27 13.48
C THR A 116 18.45 1.14 13.52
N PRO A 117 18.78 0.00 14.10
CA PRO A 117 17.84 -1.13 14.07
C PRO A 117 16.53 -0.75 14.71
N PHE A 118 15.43 -1.18 14.09
CA PHE A 118 14.14 -0.91 14.66
C PHE A 118 13.22 -2.07 14.33
N ASN A 119 12.21 -2.22 15.18
CA ASN A 119 11.19 -3.25 15.01
C ASN A 119 9.84 -2.56 14.85
N ARG A 120 9.26 -2.65 13.66
CA ARG A 120 7.98 -2.04 13.34
CA ARG A 120 7.97 -2.04 13.34
C ARG A 120 6.85 -3.05 13.52
N MET A 121 5.83 -2.66 14.26
CA MET A 121 4.57 -3.41 14.30
CA MET A 121 4.57 -3.41 14.31
C MET A 121 3.68 -2.86 13.20
N ALA A 122 3.34 -3.69 12.25
CA ALA A 122 2.50 -3.28 11.15
C ALA A 122 1.17 -4.03 11.20
N PRO A 123 0.05 -3.35 10.91
CA PRO A 123 -1.24 -4.07 10.92
C PRO A 123 -1.27 -5.10 9.81
N PHE A 124 -1.45 -6.37 10.19
CA PHE A 124 -1.44 -7.43 9.19
C PHE A 124 -2.78 -7.54 8.49
N ARG A 125 -3.84 -7.05 9.12
CA ARG A 125 -5.16 -7.16 8.54
C ARG A 125 -5.94 -5.92 8.93
N THR A 126 -6.98 -5.64 8.16
CA THR A 126 -7.84 -4.48 8.39
C THR A 126 -9.18 -4.81 7.75
N ILE A 127 -10.21 -4.04 8.10
CA ILE A 127 -11.53 -4.26 7.55
C ILE A 127 -11.70 -3.36 6.33
N GLU A 128 -12.13 -3.98 5.24
CA GLU A 128 -12.49 -3.31 4.01
C GLU A 128 -14.00 -3.32 3.85
N LYS A 129 -14.60 -2.16 3.59
CA LYS A 129 -16.03 -2.09 3.29
C LYS A 129 -16.18 -1.75 1.82
N THR A 130 -16.94 -2.57 1.11
CA THR A 130 -17.29 -2.32 -0.27
C THR A 130 -18.80 -2.41 -0.42
N SER A 131 -19.26 -1.94 -1.57
CA SER A 131 -20.68 -1.99 -1.91
CA SER A 131 -20.67 -2.04 -1.89
C SER A 131 -20.82 -2.48 -3.34
N TYR A 132 -21.99 -3.01 -3.66
CA TYR A 132 -22.34 -3.34 -5.03
C TYR A 132 -23.38 -2.32 -5.48
N THR A 133 -23.06 -1.57 -6.53
CA THR A 133 -24.00 -0.63 -7.11
C THR A 133 -24.40 -1.10 -8.49
N CYS A 134 -25.71 -1.09 -8.75
CA CYS A 134 -26.26 -1.52 -10.02
C CYS A 134 -25.98 -0.46 -11.09
N SER A 135 -25.09 -0.78 -12.02
CA SER A 135 -24.58 0.14 -13.04
C SER A 135 -25.14 -0.20 -14.42
N SER A 136 -25.03 0.76 -15.33
CA SER A 136 -25.56 0.59 -16.68
C SER A 136 -24.97 -0.64 -17.37
N ARG A 137 -23.67 -0.87 -17.22
CA ARG A 137 -23.02 -2.00 -17.90
C ARG A 137 -23.57 -3.34 -17.41
N ASP A 138 -24.00 -3.39 -16.15
CA ASP A 138 -24.62 -4.59 -15.60
C ASP A 138 -26.13 -4.61 -15.80
N CYS A 139 -26.68 -3.54 -16.36
CA CYS A 139 -28.12 -3.36 -16.45
C CYS A 139 -28.39 -2.73 -17.82
N LYS A 140 -28.42 -3.59 -18.86
CA LYS A 140 -28.55 -3.10 -20.23
C LYS A 140 -29.86 -2.34 -20.43
N SER A 141 -30.97 -2.94 -20.00
CA SER A 141 -32.25 -2.25 -19.94
C SER A 141 -32.94 -2.62 -18.63
N ARG A 142 -34.10 -2.01 -18.39
CA ARG A 142 -34.86 -2.35 -17.19
C ARG A 142 -35.43 -3.77 -17.28
N LEU A 143 -35.75 -4.23 -18.49
CA LEU A 143 -36.33 -5.55 -18.67
C LEU A 143 -35.25 -6.62 -18.71
N ASN A 144 -34.06 -6.30 -19.22
CA ASN A 144 -32.92 -7.21 -19.21
C ASN A 144 -31.83 -6.57 -18.36
N CYS A 145 -31.93 -6.77 -17.05
CA CYS A 145 -31.00 -6.25 -16.06
C CYS A 145 -30.35 -7.43 -15.36
N GLN A 146 -29.02 -7.39 -15.24
CA GLN A 146 -28.27 -8.49 -14.63
C GLN A 146 -27.73 -8.11 -13.25
N CYS A 147 -28.24 -7.03 -12.68
CA CYS A 147 -27.69 -6.56 -11.41
C CYS A 147 -27.96 -7.54 -10.28
N ASN A 148 -29.08 -8.28 -10.32
CA ASN A 148 -29.33 -9.26 -9.27
C ASN A 148 -28.29 -10.37 -9.31
N GLU A 149 -27.89 -10.80 -10.51
CA GLU A 149 -26.85 -11.81 -10.66
C GLU A 149 -25.56 -11.36 -10.04
N LEU A 150 -25.13 -10.14 -10.35
CA LEU A 150 -23.85 -9.67 -9.85
C LEU A 150 -23.94 -9.31 -8.37
N LEU A 151 -25.12 -8.90 -7.88
CA LEU A 151 -25.32 -8.75 -6.44
C LEU A 151 -25.15 -10.08 -5.72
N ASN A 152 -25.77 -11.14 -6.25
CA ASN A 152 -25.62 -12.47 -5.66
CA ASN A 152 -25.62 -12.47 -5.65
C ASN A 152 -24.17 -12.92 -5.68
N SER A 153 -23.45 -12.58 -6.76
CA SER A 153 -22.03 -12.93 -6.85
C SER A 153 -21.21 -12.18 -5.81
N PHE A 154 -21.49 -10.88 -5.66
CA PHE A 154 -20.89 -10.06 -4.61
C PHE A 154 -21.13 -10.65 -3.24
N MET A 155 -22.38 -11.09 -2.99
CA MET A 155 -22.73 -11.67 -1.70
C MET A 155 -21.94 -12.95 -1.47
N ASN A 156 -21.88 -13.82 -2.48
CA ASN A 156 -21.21 -15.10 -2.31
C ASN A 156 -19.71 -14.91 -2.03
N GLN A 157 -19.06 -14.00 -2.76
CA GLN A 157 -17.64 -13.73 -2.48
C GLN A 157 -17.45 -13.13 -1.09
N CYS A 158 -18.35 -12.21 -0.68
CA CYS A 158 -18.29 -11.67 0.68
C CYS A 158 -18.29 -12.78 1.71
N VAL A 159 -19.31 -13.65 1.62
CA VAL A 159 -19.45 -14.74 2.58
C VAL A 159 -18.24 -15.67 2.53
N ALA A 160 -17.71 -15.94 1.33
CA ALA A 160 -16.61 -16.90 1.26
C ALA A 160 -15.34 -16.32 1.83
N SER A 161 -15.25 -14.99 1.88
CA SER A 161 -14.15 -14.28 2.53
C SER A 161 -14.29 -14.23 4.04
N GLY A 162 -15.42 -14.66 4.59
CA GLY A 162 -15.65 -14.47 6.02
C GLY A 162 -16.23 -13.12 6.35
N GLY A 163 -16.80 -12.43 5.35
CA GLY A 163 -17.28 -11.09 5.56
C GLY A 163 -18.72 -11.04 5.95
N LYS A 164 -19.17 -9.83 6.28
CA LYS A 164 -20.58 -9.59 6.61
C LYS A 164 -21.24 -8.95 5.40
N PHE A 165 -22.17 -9.66 4.78
CA PHE A 165 -22.96 -9.10 3.69
C PHE A 165 -24.27 -8.56 4.22
N VAL A 166 -24.62 -7.34 3.83
CA VAL A 166 -25.93 -6.76 4.16
C VAL A 166 -26.59 -6.27 2.88
N ARG A 167 -27.76 -6.85 2.58
CA ARG A 167 -28.53 -6.43 1.41
C ARG A 167 -29.26 -5.13 1.71
N THR A 168 -29.16 -4.17 0.81
CA THR A 168 -29.89 -2.91 0.97
C THR A 168 -31.38 -3.15 0.75
N PRO A 169 -32.27 -2.65 1.63
CA PRO A 169 -33.71 -2.79 1.38
C PRO A 169 -34.09 -2.19 0.04
N GLY A 170 -35.04 -2.84 -0.62
CA GLY A 170 -35.54 -2.38 -1.89
C GLY A 170 -34.93 -3.14 -3.06
N MET A 171 -35.61 -3.00 -4.20
CA MET A 171 -35.17 -3.71 -5.40
C MET A 171 -33.82 -3.21 -5.85
N CYS A 172 -33.00 -4.12 -6.39
CA CYS A 172 -31.71 -3.77 -6.95
C CYS A 172 -31.91 -3.41 -8.42
N VAL A 173 -32.08 -2.12 -8.69
CA VAL A 173 -32.21 -1.62 -10.06
C VAL A 173 -31.22 -0.46 -10.26
N LEU A 174 -31.26 0.11 -11.46
CA LEU A 174 -30.22 1.00 -11.94
C LEU A 174 -29.91 2.13 -10.96
N ASP A 175 -28.61 2.32 -10.70
CA ASP A 175 -28.02 3.42 -9.93
C ASP A 175 -28.35 3.36 -8.45
N ARG A 176 -28.80 2.22 -7.96
CA ARG A 176 -28.99 2.02 -6.53
C ARG A 176 -27.82 1.19 -6.00
N THR A 177 -27.43 1.47 -4.76
CA THR A 177 -26.51 0.59 -4.07
C THR A 177 -27.32 -0.57 -3.48
N CYS A 178 -26.92 -1.80 -3.80
CA CYS A 178 -27.77 -2.95 -3.53
C CYS A 178 -27.29 -3.80 -2.36
N GLY A 179 -26.07 -3.58 -1.89
CA GLY A 179 -25.53 -4.41 -0.84
C GLY A 179 -24.16 -3.92 -0.44
N THR A 180 -23.77 -4.31 0.76
CA THR A 180 -22.45 -3.99 1.26
C THR A 180 -21.78 -5.26 1.74
N CYS A 181 -20.45 -5.21 1.74
CA CYS A 181 -19.62 -6.24 2.33
C CYS A 181 -18.63 -5.57 3.27
N GLU A 182 -18.51 -6.11 4.48
CA GLU A 182 -17.43 -5.74 5.39
C GLU A 182 -16.59 -6.98 5.57
N ARG A 183 -15.35 -6.96 5.07
CA ARG A 183 -14.54 -8.16 5.21
C ARG A 183 -13.12 -7.80 5.58
N THR A 184 -12.40 -8.81 6.05
CA THR A 184 -10.99 -8.63 6.40
C THR A 184 -10.13 -8.76 5.17
N VAL A 185 -9.16 -7.86 5.02
CA VAL A 185 -8.14 -7.96 3.99
C VAL A 185 -6.78 -7.96 4.65
N TYR A 186 -5.79 -8.51 3.94
CA TYR A 186 -4.51 -8.87 4.54
C TYR A 186 -3.36 -8.17 3.82
N LEU A 187 -2.35 -7.78 4.61
CA LEU A 187 -1.19 -7.05 4.11
C LEU A 187 -0.45 -7.80 3.00
N ARG A 188 -0.12 -7.08 1.93
CA ARG A 188 0.70 -7.59 0.83
C ARG A 188 2.02 -6.86 0.68
N GLN A 189 2.03 -5.57 0.95
CA GLN A 189 3.23 -4.78 0.74
C GLN A 189 3.30 -3.73 1.82
N LEU A 190 4.49 -3.53 2.39
CA LEU A 190 4.73 -2.61 3.49
C LEU A 190 5.95 -1.79 3.12
N TYR A 191 5.76 -0.49 2.84
CA TYR A 191 6.86 0.38 2.39
C TYR A 191 7.24 1.26 3.58
N LEU A 192 8.29 0.86 4.29
CA LEU A 192 8.72 1.62 5.46
C LEU A 192 9.60 2.79 5.05
N VAL A 193 9.72 3.74 5.97
CA VAL A 193 10.48 4.95 5.71
C VAL A 193 11.47 5.19 6.83
N VAL A 194 12.71 5.53 6.45
CA VAL A 194 13.72 6.00 7.39
C VAL A 194 14.15 7.41 7.00
N ARG A 195 14.60 8.17 7.97
CA ARG A 195 15.05 9.54 7.77
C ARG A 195 16.49 9.72 8.25
N GLU A 196 17.17 10.69 7.64
CA GLU A 196 18.57 10.99 8.01
C GLU A 196 18.60 11.69 9.38
N VAL A 197 19.32 11.11 10.33
CA VAL A 197 19.49 11.71 11.65
C VAL A 197 20.78 12.50 11.73
N SER A 198 21.83 11.99 11.11
CA SER A 198 23.07 12.73 10.89
C SER A 198 23.58 12.33 9.50
N ASN A 199 24.81 12.72 9.19
CA ASN A 199 25.37 12.37 7.89
C ASN A 199 25.54 10.86 7.80
N GLY A 200 24.93 10.28 6.77
CA GLY A 200 25.03 8.85 6.53
C GLY A 200 24.49 7.99 7.64
N LYS A 201 23.61 8.54 8.48
CA LYS A 201 22.95 7.77 9.53
C LYS A 201 21.44 7.93 9.38
N TYR A 202 20.71 6.81 9.43
CA TYR A 202 19.26 6.77 9.25
C TYR A 202 18.56 6.17 10.46
N ALA A 203 17.31 6.57 10.66
CA ALA A 203 16.46 6.02 11.71
C ALA A 203 15.02 5.97 11.22
N GLU A 204 14.24 5.08 11.83
CA GLU A 204 12.82 4.97 11.50
C GLU A 204 12.13 6.32 11.57
N ASP A 205 11.44 6.68 10.49
CA ASP A 205 10.67 7.91 10.41
C ASP A 205 9.41 7.71 11.25
N THR A 206 9.30 8.43 12.37
CA THR A 206 8.12 8.24 13.20
C THR A 206 6.91 9.00 12.68
N ASN A 207 7.09 9.83 11.67
CA ASN A 207 5.98 10.54 11.04
C ASN A 207 5.44 9.78 9.84
N LEU A 208 6.32 9.38 8.93
CA LEU A 208 5.93 8.64 7.74
C LEU A 208 6.05 7.15 8.07
N ARG A 209 4.91 6.58 8.50
CA ARG A 209 4.85 5.16 8.77
C ARG A 209 4.92 4.36 7.48
N SER A 210 4.48 4.95 6.37
CA SER A 210 4.47 4.28 5.08
C SER A 210 4.94 5.28 4.02
N ALA A 211 5.60 4.77 2.98
CA ALA A 211 5.93 5.63 1.85
C ALA A 211 4.73 5.90 0.94
N MET A 212 3.63 5.12 1.09
CA MET A 212 2.44 5.35 0.29
C MET A 212 1.55 6.38 0.99
N TYR A 213 1.04 7.34 0.22
CA TYR A 213 0.02 8.25 0.71
C TYR A 213 -1.16 7.44 1.27
N ALA A 214 -1.64 7.80 2.47
CA ALA A 214 -1.41 9.05 3.17
C ALA A 214 -0.43 8.87 4.32
N PHE A 215 0.43 7.87 4.20
CA PHE A 215 1.66 7.71 4.96
C PHE A 215 1.43 7.25 6.39
N GLY A 216 0.23 6.78 6.74
CA GLY A 216 -0.06 6.34 8.09
C GLY A 216 0.08 4.84 8.28
N ASP A 217 -0.33 4.40 9.47
CA ASP A 217 -0.11 3.01 9.88
CA ASP A 217 -0.11 3.01 9.88
C ASP A 217 -0.88 2.03 9.00
N LEU A 218 -1.99 2.46 8.40
CA LEU A 218 -2.78 1.56 7.56
C LEU A 218 -2.67 1.87 6.07
N ASP A 219 -1.79 2.77 5.70
CA ASP A 219 -1.61 3.15 4.29
C ASP A 219 -0.63 2.21 3.61
N ASN A 220 -1.00 0.93 3.60
CA ASN A 220 -0.24 -0.15 3.01
C ASN A 220 -1.14 -0.83 1.98
N ASP A 221 -0.60 -1.83 1.29
CA ASP A 221 -1.37 -2.57 0.28
C ASP A 221 -2.01 -3.78 0.95
N TYR A 222 -3.33 -3.73 1.11
CA TYR A 222 -4.12 -4.86 1.63
C TYR A 222 -4.98 -5.47 0.53
N GLN A 223 -5.12 -6.80 0.57
CA GLN A 223 -5.91 -7.51 -0.43
C GLN A 223 -6.65 -8.68 0.23
N PRO A 224 -7.74 -9.15 -0.38
CA PRO A 224 -8.42 -10.31 0.17
C PRO A 224 -7.53 -11.54 0.21
N GLY A 225 -7.77 -12.39 1.17
CA GLY A 225 -7.03 -13.65 1.23
C GLY A 225 -5.75 -13.50 2.01
N ILE A 226 -5.35 -14.57 2.69
CA ILE A 226 -4.19 -14.55 3.58
C ILE A 226 -2.94 -14.91 2.76
N PRO A 227 -1.96 -14.03 2.68
CA PRO A 227 -0.76 -14.32 1.89
C PRO A 227 0.23 -15.17 2.69
N SER A 228 1.16 -15.75 1.94
CA SER A 228 2.30 -16.48 2.51
CA SER A 228 2.29 -16.47 2.52
CA SER A 228 2.28 -16.48 2.51
C SER A 228 3.47 -15.57 2.78
N THR A 229 3.60 -14.49 2.02
CA THR A 229 4.69 -13.52 2.16
C THR A 229 4.18 -12.10 2.06
N VAL A 230 5.00 -11.18 2.57
CA VAL A 230 4.79 -9.74 2.43
C VAL A 230 6.06 -9.14 1.82
N THR A 231 5.90 -8.25 0.84
CA THR A 231 7.04 -7.50 0.32
C THR A 231 7.25 -6.26 1.16
N VAL A 232 8.44 -6.12 1.77
CA VAL A 232 8.80 -4.96 2.59
C VAL A 232 9.82 -4.13 1.82
N ARG A 233 9.58 -2.83 1.75
CA ARG A 233 10.57 -1.91 1.17
C ARG A 233 11.04 -0.96 2.26
N LEU A 234 12.22 -0.38 2.07
CA LEU A 234 12.73 0.68 2.92
C LEU A 234 13.11 1.87 2.02
N TYR A 235 12.45 3.01 2.23
CA TYR A 235 12.68 4.24 1.49
C TYR A 235 13.30 5.28 2.42
N SER A 236 14.19 6.12 1.89
CA SER A 236 14.48 7.38 2.56
C SER A 236 13.28 8.29 2.47
N SER A 237 13.09 9.11 3.51
CA SER A 237 12.03 10.10 3.48
C SER A 237 12.21 11.12 2.37
N LYS A 238 13.40 11.25 1.82
CA LYS A 238 13.60 12.16 0.70
C LYS A 238 13.33 11.51 -0.66
N ASP A 239 12.89 10.27 -0.69
CA ASP A 239 12.78 9.57 -1.97
C ASP A 239 11.77 10.26 -2.87
N PRO A 240 12.05 10.34 -4.19
CA PRO A 240 11.07 10.94 -5.12
C PRO A 240 9.72 10.23 -5.13
N TYR A 241 9.67 8.94 -4.83
CA TYR A 241 8.38 8.25 -4.75
C TYR A 241 7.49 8.89 -3.70
N ILE A 242 8.06 9.22 -2.54
CA ILE A 242 7.27 9.81 -1.47
C ILE A 242 6.84 11.22 -1.86
N ALA A 243 7.77 12.01 -2.42
CA ALA A 243 7.41 13.32 -2.96
C ALA A 243 6.26 13.21 -3.96
N LEU A 244 6.34 12.24 -4.87
CA LEU A 244 5.28 12.06 -5.85
C LEU A 244 3.98 11.68 -5.17
N GLN A 245 4.03 10.68 -4.28
CA GLN A 245 2.85 10.31 -3.50
C GLN A 245 2.27 11.52 -2.77
N ARG A 246 3.13 12.34 -2.15
CA ARG A 246 2.64 13.44 -1.33
C ARG A 246 1.96 14.50 -2.19
N LEU A 247 2.62 14.93 -3.26
CA LEU A 247 2.11 16.03 -4.06
C LEU A 247 0.86 15.64 -4.87
N THR A 248 0.73 14.37 -5.25
CA THR A 248 -0.42 13.90 -6.00
C THR A 248 -1.46 13.20 -5.14
N LYS A 249 -1.27 13.16 -3.82
CA LYS A 249 -2.18 12.47 -2.90
C LYS A 249 -2.42 11.04 -3.36
N GLY A 250 -1.33 10.35 -3.65
CA GLY A 250 -1.33 8.95 -4.01
C GLY A 250 -1.76 8.63 -5.42
N THR A 251 -2.19 9.63 -6.19
CA THR A 251 -2.66 9.39 -7.56
C THR A 251 -1.51 9.27 -8.54
N ASN A 252 -0.35 9.84 -8.23
CA ASN A 252 0.86 9.80 -9.06
C ASN A 252 0.70 10.57 -10.36
N ASP A 253 -0.34 11.39 -10.50
CA ASP A 253 -0.60 12.17 -11.71
C ASP A 253 -0.31 13.64 -11.42
N LEU A 254 0.67 14.20 -12.13
CA LEU A 254 1.18 15.57 -11.96
C LEU A 254 2.09 15.70 -10.73
#